data_7B9O
#
_entry.id   7B9O
#
_cell.length_a   65.529
_cell.length_b   65.529
_cell.length_c   110.178
_cell.angle_alpha   90.000
_cell.angle_beta   90.000
_cell.angle_gamma   90.000
#
_symmetry.space_group_name_H-M   'P 43 21 2'
#
loop_
_entity.id
_entity.type
_entity.pdbx_description
1 polymer 'Retinoic acid receptor RXR-alpha'
2 polymer 'Nuclear receptor coactivator 2'
3 non-polymer '3-(5-(3,5-bis(trifluoromethyl)phenyl)-4-phenyloxazol-2-yl)propanoic acid'
4 water water
#
loop_
_entity_poly.entity_id
_entity_poly.type
_entity_poly.pdbx_seq_one_letter_code
_entity_poly.pdbx_strand_id
1 'polypeptide(L)'
;SMDMPVERILEAELAVEPKTETYVEANMGLNPSSPNDPVTNICQAADKQLFTLVEWAKRIPHFSELPLDDQVILLRAGWN
ELLIASFSHRSIAVKDGILLATGLHVHRNSAHSAGVGAIFDRVLTELVSKMRDMQMDKTELGCLRAIVLFNPDSKGLSNP
AEVEALREKVYASLEAYCKHKYPEQPGRFAKLLLRLPALRSIGLKCLEHLFFFKLIGDTPIDTFLMEMLE
;
A
2 'polypeptide(L)' KHKILHRLLQDSSY C
#
# COMPACT_ATOMS: atom_id res chain seq x y z
N ASP A 3 5.65 2.82 -24.00
CA ASP A 3 4.99 3.88 -23.14
C ASP A 3 4.99 3.44 -21.65
N MET A 4 4.87 2.13 -21.34
CA MET A 4 4.77 1.62 -19.91
C MET A 4 5.50 0.29 -19.73
N PRO A 5 6.85 0.30 -19.77
CA PRO A 5 7.66 -0.91 -19.62
C PRO A 5 7.72 -1.38 -18.15
N VAL A 6 7.39 -2.66 -17.91
CA VAL A 6 7.42 -3.32 -16.58
C VAL A 6 8.84 -3.20 -16.01
N GLU A 7 9.84 -3.13 -16.85
CA GLU A 7 11.26 -2.97 -16.43
C GLU A 7 11.40 -1.69 -15.57
N ARG A 8 10.75 -0.58 -15.96
CA ARG A 8 10.91 0.75 -15.28
C ARG A 8 10.20 0.70 -13.93
N ILE A 9 9.08 0.00 -13.89
CA ILE A 9 8.25 -0.17 -12.69
C ILE A 9 9.02 -0.98 -11.65
N LEU A 10 9.62 -2.10 -12.06
CA LEU A 10 10.51 -2.91 -11.19
C LEU A 10 11.65 -2.02 -10.67
N GLU A 11 12.31 -1.25 -11.56
CA GLU A 11 13.48 -0.41 -11.20
C GLU A 11 13.03 0.60 -10.15
N ALA A 12 11.73 0.96 -10.14
CA ALA A 12 11.15 1.92 -9.17
C ALA A 12 11.00 1.23 -7.79
N GLU A 13 10.51 0.00 -7.78
CA GLU A 13 10.47 -0.81 -6.54
C GLU A 13 11.89 -0.96 -5.99
N LEU A 14 12.85 -1.27 -6.83
CA LEU A 14 14.21 -1.68 -6.38
C LEU A 14 14.97 -0.44 -5.93
N ALA A 15 14.64 0.70 -6.51
CA ALA A 15 15.26 2.01 -6.21
C ALA A 15 14.98 2.38 -4.76
N VAL A 16 13.80 2.03 -4.23
CA VAL A 16 13.24 2.65 -2.99
C VAL A 16 13.30 1.67 -1.79
N GLU A 17 13.88 0.49 -1.98
CA GLU A 17 14.22 -0.46 -0.87
C GLU A 17 15.44 0.10 -0.10
N ASP A 37 5.08 0.72 22.22
CA ASP A 37 3.79 0.63 21.50
C ASP A 37 4.09 0.33 20.04
N PRO A 38 3.73 -0.89 19.57
CA PRO A 38 3.82 -1.21 18.16
C PRO A 38 3.15 -0.17 17.25
N VAL A 39 2.10 0.48 17.74
CA VAL A 39 1.34 1.52 16.95
C VAL A 39 2.24 2.77 16.78
N THR A 40 3.05 3.12 17.77
CA THR A 40 4.08 4.19 17.64
C THR A 40 5.05 3.80 16.51
N ASN A 41 5.61 2.58 16.56
CA ASN A 41 6.58 2.07 15.56
C ASN A 41 5.95 2.07 14.18
N ILE A 42 4.72 1.62 14.08
CA ILE A 42 3.96 1.59 12.80
C ILE A 42 3.86 3.03 12.26
N CYS A 43 3.41 3.97 13.08
CA CYS A 43 3.21 5.40 12.71
C CYS A 43 4.56 6.01 12.32
N GLN A 44 5.66 5.69 13.00
CA GLN A 44 7.00 6.18 12.59
C GLN A 44 7.36 5.62 11.22
N ALA A 45 7.12 4.35 10.99
CA ALA A 45 7.47 3.65 9.72
C ALA A 45 6.65 4.25 8.54
N ALA A 46 5.37 4.46 8.76
CA ALA A 46 4.46 5.10 7.79
C ALA A 46 5.03 6.45 7.37
N ASP A 47 5.41 7.26 8.34
CA ASP A 47 5.90 8.62 8.09
C ASP A 47 7.15 8.51 7.21
N LYS A 48 8.09 7.68 7.64
CA LYS A 48 9.34 7.43 6.90
C LYS A 48 9.02 7.01 5.48
N GLN A 49 8.06 6.12 5.30
CA GLN A 49 7.78 5.55 3.96
C GLN A 49 7.01 6.56 3.10
N LEU A 50 6.36 7.56 3.70
CA LEU A 50 5.62 8.58 2.92
C LEU A 50 6.62 9.34 2.03
N PHE A 51 7.81 9.65 2.55
CA PHE A 51 8.91 10.30 1.82
C PHE A 51 9.35 9.41 0.67
N THR A 52 9.58 8.13 0.96
CA THR A 52 10.01 7.13 -0.05
C THR A 52 8.94 7.00 -1.11
N LEU A 53 7.69 7.00 -0.70
CA LEU A 53 6.54 6.86 -1.62
C LEU A 53 6.62 7.89 -2.75
N VAL A 54 7.00 9.12 -2.42
CA VAL A 54 7.01 10.24 -3.39
C VAL A 54 8.06 9.94 -4.44
N GLU A 55 9.23 9.49 -3.99
CA GLU A 55 10.37 9.16 -4.89
C GLU A 55 9.97 8.01 -5.79
N TRP A 56 9.27 7.03 -5.22
CA TRP A 56 8.82 5.84 -5.97
C TRP A 56 7.96 6.32 -7.11
N ALA A 57 6.97 7.12 -6.78
CA ALA A 57 5.95 7.59 -7.74
C ALA A 57 6.66 8.35 -8.85
N LYS A 58 7.68 9.12 -8.50
CA LYS A 58 8.39 9.98 -9.48
C LYS A 58 9.10 9.11 -10.53
N ARG A 59 9.37 7.84 -10.21
CA ARG A 59 10.04 6.87 -11.10
C ARG A 59 9.04 5.98 -11.85
N ILE A 60 7.75 6.12 -11.60
CA ILE A 60 6.72 5.42 -12.42
C ILE A 60 6.55 6.22 -13.71
N PRO A 61 6.80 5.61 -14.88
CA PRO A 61 6.70 6.31 -16.15
C PRO A 61 5.41 7.14 -16.25
N HIS A 62 5.59 8.40 -16.62
CA HIS A 62 4.55 9.36 -17.04
C HIS A 62 3.93 10.05 -15.81
N PHE A 63 4.21 9.58 -14.59
CA PHE A 63 3.60 10.19 -13.36
C PHE A 63 4.03 11.66 -13.21
N SER A 64 5.33 11.92 -13.34
CA SER A 64 5.95 13.25 -13.12
C SER A 64 5.56 14.21 -14.22
N GLU A 65 5.01 13.70 -15.33
CA GLU A 65 4.49 14.51 -16.45
C GLU A 65 3.04 14.97 -16.18
N LEU A 66 2.29 14.31 -15.30
CA LEU A 66 0.90 14.79 -14.97
C LEU A 66 0.98 16.16 -14.32
N PRO A 67 -0.09 16.98 -14.36
CA PRO A 67 -0.10 18.22 -13.59
C PRO A 67 0.23 17.96 -12.12
N LEU A 68 0.98 18.87 -11.49
CA LEU A 68 1.31 18.78 -10.04
C LEU A 68 0.01 18.53 -9.23
N ASP A 69 -1.10 19.20 -9.57
CA ASP A 69 -2.35 19.09 -8.77
C ASP A 69 -2.79 17.63 -8.77
N ASP A 70 -2.68 16.96 -9.90
CA ASP A 70 -3.21 15.59 -10.09
C ASP A 70 -2.24 14.59 -9.41
N GLN A 71 -0.94 14.83 -9.47
CA GLN A 71 0.08 14.05 -8.74
C GLN A 71 -0.27 14.03 -7.26
N VAL A 72 -0.65 15.20 -6.74
CA VAL A 72 -0.98 15.40 -5.30
C VAL A 72 -2.26 14.60 -4.98
N ILE A 73 -3.25 14.70 -5.85
CA ILE A 73 -4.54 13.99 -5.71
C ILE A 73 -4.25 12.51 -5.78
N LEU A 74 -3.44 12.06 -6.73
CA LEU A 74 -3.24 10.60 -6.91
C LEU A 74 -2.57 10.04 -5.65
N LEU A 75 -1.60 10.74 -5.11
CA LEU A 75 -0.86 10.28 -3.92
C LEU A 75 -1.73 10.44 -2.67
N ARG A 76 -2.57 11.48 -2.59
CA ARG A 76 -3.50 11.64 -1.43
C ARG A 76 -4.58 10.56 -1.45
N ALA A 77 -5.00 10.11 -2.62
CA ALA A 77 -6.06 9.09 -2.79
C ALA A 77 -5.48 7.69 -2.49
N GLY A 78 -4.18 7.51 -2.65
CA GLY A 78 -3.54 6.19 -2.81
C GLY A 78 -2.57 5.80 -1.69
N TRP A 79 -1.95 6.76 -0.99
CA TRP A 79 -0.75 6.51 -0.13
C TRP A 79 -1.00 5.30 0.79
N ASN A 80 -2.20 5.18 1.35
CA ASN A 80 -2.48 4.15 2.37
C ASN A 80 -2.40 2.78 1.71
N GLU A 81 -3.05 2.62 0.57
CA GLU A 81 -3.01 1.35 -0.20
C GLU A 81 -1.59 1.08 -0.66
N LEU A 82 -0.86 2.11 -1.03
CA LEU A 82 0.52 1.95 -1.54
C LEU A 82 1.44 1.49 -0.40
N LEU A 83 1.32 2.05 0.78
CA LEU A 83 2.18 1.66 1.93
C LEU A 83 1.83 0.22 2.34
N ILE A 84 0.55 -0.12 2.36
CA ILE A 84 0.06 -1.44 2.81
C ILE A 84 0.53 -2.53 1.81
N ALA A 85 0.44 -2.28 0.48
CA ALA A 85 0.94 -3.19 -0.57
C ALA A 85 2.42 -3.50 -0.34
N SER A 86 3.18 -2.50 0.05
CA SER A 86 4.63 -2.63 0.20
C SER A 86 4.96 -3.42 1.44
N PHE A 87 4.45 -3.03 2.60
CA PHE A 87 4.90 -3.70 3.84
C PHE A 87 4.34 -5.13 3.83
N SER A 88 3.20 -5.38 3.17
CA SER A 88 2.59 -6.74 3.03
C SER A 88 3.54 -7.62 2.23
N HIS A 89 4.01 -7.12 1.08
CA HIS A 89 4.94 -7.87 0.21
C HIS A 89 6.28 -8.06 0.92
N ARG A 90 6.75 -7.05 1.64
CA ARG A 90 8.01 -7.12 2.42
C ARG A 90 7.91 -8.27 3.44
N SER A 91 6.70 -8.54 3.98
CA SER A 91 6.47 -9.42 5.15
C SER A 91 6.26 -10.89 4.70
N ILE A 92 6.43 -11.20 3.41
CA ILE A 92 6.28 -12.57 2.83
C ILE A 92 7.16 -13.57 3.58
N ALA A 93 8.37 -13.17 3.95
CA ALA A 93 9.39 -14.09 4.49
C ALA A 93 9.24 -14.19 6.01
N VAL A 94 8.12 -13.73 6.57
CA VAL A 94 7.93 -13.58 8.04
C VAL A 94 6.77 -14.47 8.49
N LYS A 95 6.98 -15.28 9.53
CA LYS A 95 5.89 -16.02 10.23
C LYS A 95 5.11 -15.04 11.13
N ASP A 96 3.81 -14.89 10.86
CA ASP A 96 2.86 -14.24 11.81
C ASP A 96 3.41 -12.87 12.26
N GLY A 97 3.83 -12.04 11.31
CA GLY A 97 4.39 -10.71 11.60
C GLY A 97 4.36 -9.81 10.38
N ILE A 98 4.64 -8.55 10.55
CA ILE A 98 4.98 -7.67 9.41
C ILE A 98 6.37 -7.09 9.64
N LEU A 99 7.16 -6.97 8.57
CA LEU A 99 8.47 -6.26 8.61
C LEU A 99 8.21 -4.79 8.28
N LEU A 100 8.51 -3.92 9.21
CA LEU A 100 8.45 -2.45 9.01
C LEU A 100 9.71 -2.00 8.27
N ALA A 101 9.59 -0.94 7.49
CA ALA A 101 10.68 -0.27 6.77
C ALA A 101 11.81 0.13 7.73
N THR A 102 11.54 0.28 9.04
CA THR A 102 12.51 0.69 10.08
C THR A 102 13.36 -0.50 10.54
N GLY A 103 13.08 -1.71 10.04
CA GLY A 103 13.80 -2.94 10.43
C GLY A 103 13.17 -3.66 11.62
N LEU A 104 12.15 -3.07 12.25
CA LEU A 104 11.40 -3.73 13.36
C LEU A 104 10.34 -4.67 12.78
N HIS A 105 9.97 -5.70 13.53
CA HIS A 105 8.84 -6.60 13.19
C HIS A 105 7.67 -6.26 14.12
N VAL A 106 6.46 -6.33 13.64
CA VAL A 106 5.31 -6.44 14.55
C VAL A 106 4.78 -7.86 14.45
N HIS A 107 4.90 -8.59 15.53
CA HIS A 107 4.37 -9.96 15.70
C HIS A 107 2.88 -9.86 15.96
N ARG A 108 2.13 -10.83 15.46
CA ARG A 108 0.69 -11.08 15.74
C ARG A 108 0.39 -10.65 17.17
N ASN A 109 1.11 -11.20 18.12
CA ASN A 109 0.73 -11.05 19.55
C ASN A 109 0.96 -9.60 19.97
N SER A 110 1.98 -8.91 19.44
CA SER A 110 2.21 -7.45 19.69
C SER A 110 1.03 -6.66 19.15
N ALA A 111 0.61 -6.94 17.91
CA ALA A 111 -0.52 -6.23 17.27
C ALA A 111 -1.77 -6.44 18.11
N HIS A 112 -2.06 -7.70 18.46
CA HIS A 112 -3.27 -8.06 19.25
C HIS A 112 -3.22 -7.33 20.59
N SER A 113 -2.04 -7.30 21.22
CA SER A 113 -1.81 -6.72 22.58
C SER A 113 -1.94 -5.18 22.57
N ALA A 114 -1.81 -4.57 21.40
CA ALA A 114 -1.88 -3.11 21.19
C ALA A 114 -3.30 -2.73 20.75
N GLY A 115 -4.16 -3.71 20.49
CA GLY A 115 -5.56 -3.48 20.10
C GLY A 115 -5.73 -3.24 18.59
N VAL A 116 -4.85 -3.77 17.76
CA VAL A 116 -4.99 -3.68 16.27
C VAL A 116 -4.89 -5.10 15.69
N GLY A 117 -5.29 -6.09 16.48
CA GLY A 117 -5.27 -7.51 16.09
C GLY A 117 -6.10 -7.80 14.83
N ALA A 118 -7.36 -7.36 14.83
CA ALA A 118 -8.35 -7.61 13.76
C ALA A 118 -7.78 -7.14 12.41
N ILE A 119 -7.28 -5.93 12.36
CA ILE A 119 -6.75 -5.39 11.07
C ILE A 119 -5.45 -6.12 10.73
N PHE A 120 -4.60 -6.40 11.69
CA PHE A 120 -3.34 -7.15 11.48
C PHE A 120 -3.67 -8.53 10.90
N ASP A 121 -4.68 -9.22 11.44
CA ASP A 121 -5.07 -10.55 10.94
C ASP A 121 -5.56 -10.43 9.47
N ARG A 122 -6.39 -9.43 9.16
CA ARG A 122 -6.88 -9.15 7.79
C ARG A 122 -5.68 -8.91 6.88
N VAL A 123 -4.69 -8.15 7.35
CA VAL A 123 -3.46 -7.95 6.54
C VAL A 123 -2.81 -9.32 6.23
N LEU A 124 -2.56 -10.19 7.22
CA LEU A 124 -1.87 -11.50 6.97
C LEU A 124 -2.71 -12.38 6.04
N THR A 125 -4.00 -12.52 6.32
CA THR A 125 -4.87 -13.52 5.67
C THR A 125 -5.15 -13.04 4.25
N GLU A 126 -5.42 -11.75 4.03
CA GLU A 126 -5.93 -11.29 2.72
C GLU A 126 -4.78 -10.83 1.82
N LEU A 127 -3.64 -10.42 2.39
CA LEU A 127 -2.53 -9.85 1.58
C LEU A 127 -1.29 -10.72 1.71
N VAL A 128 -0.67 -10.78 2.88
CA VAL A 128 0.70 -11.36 3.03
C VAL A 128 0.66 -12.82 2.59
N SER A 129 -0.23 -13.62 3.15
CA SER A 129 -0.27 -15.08 2.87
C SER A 129 -0.70 -15.29 1.41
N LYS A 130 -1.50 -14.39 0.83
CA LYS A 130 -1.94 -14.52 -0.58
C LYS A 130 -0.78 -14.17 -1.50
N MET A 131 0.03 -13.18 -1.13
CA MET A 131 1.25 -12.83 -1.90
C MET A 131 2.25 -13.98 -1.81
N ARG A 132 2.44 -14.52 -0.62
CA ARG A 132 3.41 -15.61 -0.41
C ARG A 132 2.94 -16.85 -1.19
N ASP A 133 1.67 -17.20 -1.10
CA ASP A 133 1.12 -18.46 -1.66
C ASP A 133 1.26 -18.49 -3.19
N MET A 134 1.17 -17.34 -3.86
CA MET A 134 1.26 -17.25 -5.34
C MET A 134 2.67 -16.78 -5.74
N GLN A 135 3.51 -16.46 -4.75
CA GLN A 135 4.89 -15.97 -4.97
C GLN A 135 4.84 -14.70 -5.82
N MET A 136 3.94 -13.80 -5.50
CA MET A 136 3.86 -12.49 -6.19
C MET A 136 5.27 -11.92 -6.28
N ASP A 137 5.74 -11.58 -7.46
CA ASP A 137 7.11 -11.06 -7.63
C ASP A 137 7.03 -9.54 -7.57
N LYS A 138 8.19 -8.89 -7.61
CA LYS A 138 8.33 -7.44 -7.36
C LYS A 138 7.84 -6.65 -8.56
N THR A 139 7.96 -7.22 -9.76
CA THR A 139 7.40 -6.61 -10.99
C THR A 139 5.89 -6.56 -10.86
N GLU A 140 5.30 -7.64 -10.36
CA GLU A 140 3.84 -7.77 -10.15
C GLU A 140 3.40 -6.82 -9.05
N LEU A 141 4.15 -6.74 -7.95
CA LEU A 141 3.85 -5.76 -6.87
C LEU A 141 3.86 -4.33 -7.44
N GLY A 142 4.94 -3.98 -8.14
CA GLY A 142 5.17 -2.64 -8.74
C GLY A 142 4.00 -2.27 -9.63
N CYS A 143 3.61 -3.17 -10.51
CA CYS A 143 2.45 -2.97 -11.38
C CYS A 143 1.19 -2.72 -10.56
N LEU A 144 0.91 -3.55 -9.54
CA LEU A 144 -0.33 -3.40 -8.77
C LEU A 144 -0.29 -2.03 -8.11
N ARG A 145 0.86 -1.63 -7.61
CA ARG A 145 1.01 -0.34 -6.93
C ARG A 145 0.83 0.81 -7.94
N ALA A 146 1.30 0.64 -9.17
CA ALA A 146 1.20 1.64 -10.24
C ALA A 146 -0.26 1.75 -10.66
N ILE A 147 -0.97 0.61 -10.71
CA ILE A 147 -2.43 0.61 -11.02
C ILE A 147 -3.13 1.40 -9.92
N VAL A 148 -2.71 1.21 -8.69
CA VAL A 148 -3.32 1.89 -7.53
C VAL A 148 -3.07 3.40 -7.65
N LEU A 149 -1.81 3.76 -7.91
CA LEU A 149 -1.36 5.14 -8.11
C LEU A 149 -2.24 5.83 -9.17
N PHE A 150 -2.35 5.20 -10.33
CA PHE A 150 -3.12 5.71 -11.49
C PHE A 150 -4.60 5.36 -11.28
N ASN A 151 -5.19 5.95 -10.25
CA ASN A 151 -6.59 5.72 -9.85
C ASN A 151 -7.46 6.80 -10.47
N PRO A 152 -8.22 6.47 -11.54
CA PRO A 152 -8.98 7.48 -12.26
C PRO A 152 -10.26 7.90 -11.53
N ASP A 153 -10.61 7.26 -10.42
CA ASP A 153 -11.81 7.61 -9.60
C ASP A 153 -11.48 8.75 -8.60
N SER A 154 -10.19 9.09 -8.45
CA SER A 154 -9.68 10.09 -7.48
C SER A 154 -10.36 11.44 -7.73
N LYS A 155 -10.96 12.06 -6.72
CA LYS A 155 -11.80 13.28 -6.89
C LYS A 155 -10.91 14.45 -7.30
N GLY A 156 -11.35 15.24 -8.28
CA GLY A 156 -10.78 16.55 -8.64
C GLY A 156 -9.69 16.45 -9.70
N LEU A 157 -9.44 15.27 -10.24
CA LEU A 157 -8.46 15.11 -11.35
C LEU A 157 -8.86 16.04 -12.45
N SER A 158 -7.92 16.81 -12.98
CA SER A 158 -8.15 17.71 -14.12
C SER A 158 -8.42 16.87 -15.37
N ASN A 159 -7.80 15.71 -15.49
CA ASN A 159 -7.98 14.83 -16.68
C ASN A 159 -8.01 13.38 -16.24
N PRO A 160 -9.19 12.86 -15.84
CA PRO A 160 -9.33 11.48 -15.43
C PRO A 160 -9.05 10.48 -16.57
N ALA A 161 -9.51 10.78 -17.77
CA ALA A 161 -9.28 9.99 -19.00
C ALA A 161 -7.80 9.63 -19.11
N GLU A 162 -6.91 10.60 -18.94
CA GLU A 162 -5.43 10.44 -19.04
C GLU A 162 -4.96 9.43 -17.98
N VAL A 163 -5.40 9.59 -16.74
CA VAL A 163 -5.01 8.70 -15.60
C VAL A 163 -5.52 7.31 -15.90
N GLU A 164 -6.70 7.19 -16.44
CA GLU A 164 -7.29 5.91 -16.82
C GLU A 164 -6.44 5.26 -17.93
N ALA A 165 -6.06 6.02 -18.97
CA ALA A 165 -5.14 5.55 -20.04
C ALA A 165 -3.88 4.96 -19.41
N LEU A 166 -3.31 5.66 -18.45
CA LEU A 166 -2.05 5.25 -17.81
C LEU A 166 -2.26 3.95 -17.05
N ARG A 167 -3.40 3.80 -16.41
CA ARG A 167 -3.77 2.59 -15.66
C ARG A 167 -3.89 1.43 -16.66
N GLU A 168 -4.59 1.67 -17.78
CA GLU A 168 -4.81 0.67 -18.87
C GLU A 168 -3.47 0.17 -19.37
N LYS A 169 -2.48 1.07 -19.49
CA LYS A 169 -1.13 0.72 -20.02
C LYS A 169 -0.38 -0.12 -18.96
N VAL A 170 -0.49 0.21 -17.69
CA VAL A 170 0.15 -0.62 -16.62
C VAL A 170 -0.44 -2.03 -16.70
N TYR A 171 -1.75 -2.18 -16.75
CA TYR A 171 -2.36 -3.52 -16.61
C TYR A 171 -2.19 -4.30 -17.90
N ALA A 172 -2.18 -3.62 -19.03
CA ALA A 172 -1.77 -4.20 -20.33
C ALA A 172 -0.36 -4.80 -20.17
N SER A 173 0.61 -4.01 -19.74
CA SER A 173 2.00 -4.46 -19.49
C SER A 173 1.99 -5.62 -18.49
N LEU A 174 1.23 -5.51 -17.43
CA LEU A 174 1.27 -6.52 -16.34
C LEU A 174 0.80 -7.88 -16.89
N GLU A 175 -0.32 -7.91 -17.63
CA GLU A 175 -0.87 -9.15 -18.26
C GLU A 175 0.21 -9.75 -19.16
N ALA A 176 0.80 -8.96 -20.05
CA ALA A 176 1.85 -9.45 -20.98
C ALA A 176 2.96 -10.12 -20.15
N TYR A 177 3.43 -9.44 -19.10
CA TYR A 177 4.49 -9.98 -18.21
C TYR A 177 4.03 -11.34 -17.66
N CYS A 178 2.88 -11.39 -17.02
CA CYS A 178 2.28 -12.62 -16.44
C CYS A 178 2.22 -13.76 -17.50
N LYS A 179 1.75 -13.47 -18.72
CA LYS A 179 1.54 -14.48 -19.80
C LYS A 179 2.90 -15.04 -20.23
N HIS A 180 3.91 -14.18 -20.33
CA HIS A 180 5.29 -14.53 -20.77
C HIS A 180 5.99 -15.29 -19.64
N LYS A 181 5.99 -14.73 -18.43
CA LYS A 181 6.86 -15.12 -17.29
C LYS A 181 6.29 -16.38 -16.61
N TYR A 182 4.96 -16.43 -16.44
CA TYR A 182 4.21 -17.58 -15.87
C TYR A 182 3.18 -18.08 -16.89
N PRO A 183 3.61 -18.65 -18.03
CA PRO A 183 2.67 -19.07 -19.05
C PRO A 183 1.77 -20.21 -18.55
N GLU A 184 2.17 -20.86 -17.48
CA GLU A 184 1.50 -22.08 -16.95
C GLU A 184 0.34 -21.66 -16.04
N GLN A 185 0.18 -20.37 -15.77
CA GLN A 185 -0.85 -19.84 -14.84
C GLN A 185 -1.72 -18.81 -15.57
N PRO A 186 -2.68 -19.26 -16.39
CA PRO A 186 -3.53 -18.34 -17.14
C PRO A 186 -4.38 -17.44 -16.24
N GLY A 187 -4.56 -17.81 -14.97
CA GLY A 187 -5.38 -17.04 -14.01
C GLY A 187 -4.60 -16.02 -13.19
N ARG A 188 -3.30 -15.89 -13.43
CA ARG A 188 -2.41 -15.14 -12.51
C ARG A 188 -2.78 -13.66 -12.54
N PHE A 189 -2.93 -13.10 -13.73
CA PHE A 189 -3.26 -11.68 -13.92
C PHE A 189 -4.54 -11.34 -13.11
N ALA A 190 -5.59 -12.10 -13.30
CA ALA A 190 -6.89 -11.94 -12.63
C ALA A 190 -6.68 -12.04 -11.11
N LYS A 191 -5.87 -12.97 -10.70
CA LYS A 191 -5.64 -13.22 -9.29
C LYS A 191 -4.95 -11.99 -8.66
N LEU A 192 -3.98 -11.39 -9.35
CA LEU A 192 -3.30 -10.15 -8.88
C LEU A 192 -4.33 -9.03 -8.76
N LEU A 193 -5.11 -8.80 -9.82
CA LEU A 193 -6.12 -7.72 -9.82
C LEU A 193 -7.08 -7.93 -8.63
N LEU A 194 -7.34 -9.17 -8.25
CA LEU A 194 -8.42 -9.50 -7.31
C LEU A 194 -7.89 -9.51 -5.87
N ARG A 195 -6.72 -8.94 -5.64
CA ARG A 195 -6.23 -8.54 -4.30
C ARG A 195 -6.52 -7.03 -4.09
N LEU A 196 -6.94 -6.32 -5.13
CA LEU A 196 -7.16 -4.84 -5.05
C LEU A 196 -8.42 -4.52 -4.25
N PRO A 197 -9.50 -5.32 -4.26
CA PRO A 197 -10.60 -5.08 -3.33
C PRO A 197 -10.22 -5.20 -1.86
N ALA A 198 -9.48 -6.25 -1.49
CA ALA A 198 -8.97 -6.44 -0.13
C ALA A 198 -8.07 -5.24 0.26
N LEU A 199 -7.20 -4.84 -0.61
CA LEU A 199 -6.30 -3.66 -0.40
C LEU A 199 -7.15 -2.41 -0.13
N ARG A 200 -8.24 -2.24 -0.86
CA ARG A 200 -9.14 -1.08 -0.68
C ARG A 200 -9.74 -1.12 0.74
N SER A 201 -10.33 -2.26 1.15
CA SER A 201 -11.00 -2.42 2.47
C SER A 201 -10.00 -2.15 3.56
N ILE A 202 -8.89 -2.84 3.45
CA ILE A 202 -7.85 -2.84 4.51
C ILE A 202 -7.30 -1.42 4.63
N GLY A 203 -7.09 -0.74 3.50
CA GLY A 203 -6.65 0.69 3.46
C GLY A 203 -7.59 1.59 4.20
N LEU A 204 -8.89 1.36 4.03
CA LEU A 204 -9.93 2.19 4.64
C LEU A 204 -9.96 1.92 6.14
N LYS A 205 -9.90 0.67 6.53
CA LYS A 205 -9.86 0.28 7.96
C LYS A 205 -8.62 0.93 8.62
N CYS A 206 -7.50 0.90 7.96
CA CYS A 206 -6.23 1.45 8.51
C CYS A 206 -6.39 2.97 8.70
N LEU A 207 -6.98 3.68 7.73
CA LEU A 207 -7.23 5.14 7.85
C LEU A 207 -8.04 5.38 9.11
N GLU A 208 -9.12 4.64 9.27
CA GLU A 208 -10.05 4.76 10.40
C GLU A 208 -9.28 4.62 11.74
N HIS A 209 -8.33 3.69 11.85
CA HIS A 209 -7.47 3.50 13.05
C HIS A 209 -6.60 4.75 13.27
N LEU A 210 -5.95 5.21 12.22
CA LEU A 210 -5.03 6.36 12.32
C LEU A 210 -5.83 7.61 12.73
N PHE A 211 -7.06 7.80 12.22
CA PHE A 211 -7.91 8.98 12.56
C PHE A 211 -8.21 8.92 14.04
N PHE A 212 -8.51 7.72 14.52
CA PHE A 212 -8.78 7.50 15.94
C PHE A 212 -7.53 7.79 16.77
N PHE A 213 -6.35 7.30 16.35
CA PHE A 213 -5.08 7.55 17.12
C PHE A 213 -4.86 9.06 17.23
N LYS A 214 -4.92 9.75 16.09
CA LYS A 214 -4.82 11.23 15.95
C LYS A 214 -5.81 11.90 16.89
N LEU A 215 -7.10 11.62 16.72
CA LEU A 215 -8.21 12.17 17.53
C LEU A 215 -7.87 12.01 19.03
N ILE A 216 -7.72 10.79 19.55
CA ILE A 216 -7.46 10.61 21.01
C ILE A 216 -6.02 11.05 21.29
N GLY A 217 -5.17 11.12 20.27
CA GLY A 217 -3.79 11.58 20.43
C GLY A 217 -3.05 10.78 21.49
N ASP A 218 -3.23 9.46 21.48
CA ASP A 218 -2.53 8.49 22.38
C ASP A 218 -1.07 8.34 21.92
N THR A 219 -0.78 8.60 20.62
CA THR A 219 0.51 8.26 19.96
C THR A 219 1.02 9.42 19.13
N PRO A 220 2.36 9.65 19.12
CA PRO A 220 2.98 10.59 18.18
C PRO A 220 2.62 10.27 16.72
N ILE A 221 2.22 11.31 15.99
CA ILE A 221 1.95 11.26 14.53
C ILE A 221 2.83 12.32 13.87
N ASP A 222 3.87 11.89 13.17
CA ASP A 222 4.94 12.77 12.64
C ASP A 222 4.33 13.63 11.52
N THR A 223 5.06 14.64 11.05
CA THR A 223 4.49 15.78 10.29
C THR A 223 3.91 15.31 8.95
N PHE A 224 4.53 14.39 8.24
CA PHE A 224 4.08 14.04 6.87
C PHE A 224 2.84 13.17 7.00
N LEU A 225 2.85 12.26 7.96
CA LEU A 225 1.69 11.38 8.22
C LEU A 225 0.51 12.26 8.66
N MET A 226 0.78 13.23 9.51
CA MET A 226 -0.24 14.21 9.99
C MET A 226 -0.91 14.87 8.78
N GLU A 227 -0.08 15.36 7.86
CA GLU A 227 -0.54 16.10 6.66
C GLU A 227 -1.44 15.20 5.81
N MET A 228 -1.11 13.91 5.68
CA MET A 228 -1.88 12.96 4.84
C MET A 228 -3.27 12.68 5.44
N LEU A 229 -3.48 13.03 6.69
CA LEU A 229 -4.73 12.80 7.46
C LEU A 229 -5.54 14.10 7.69
N GLU A 230 -5.13 15.24 7.12
CA GLU A 230 -5.74 16.56 7.37
C GLU A 230 -6.28 17.12 6.05
N LYS B 1 -5.21 7.36 30.41
CA LYS B 1 -4.36 6.87 29.27
C LYS B 1 -4.62 5.38 29.03
N HIS B 2 -5.88 5.00 28.76
CA HIS B 2 -6.30 3.57 28.65
C HIS B 2 -6.25 3.15 27.16
N LYS B 3 -5.04 3.05 26.59
CA LYS B 3 -4.78 2.95 25.13
C LYS B 3 -5.61 1.81 24.52
N ILE B 4 -5.39 0.57 24.98
CA ILE B 4 -5.96 -0.68 24.37
C ILE B 4 -7.48 -0.63 24.49
N LEU B 5 -8.01 -0.24 25.65
CA LEU B 5 -9.47 -0.24 25.91
C LEU B 5 -10.17 0.70 24.93
N HIS B 6 -9.68 1.95 24.85
CA HIS B 6 -10.17 3.02 23.94
C HIS B 6 -10.17 2.51 22.49
N ARG B 7 -9.04 1.96 22.04
CA ARG B 7 -8.87 1.40 20.66
C ARG B 7 -9.95 0.31 20.39
N LEU B 8 -10.18 -0.61 21.35
CA LEU B 8 -11.06 -1.77 21.11
C LEU B 8 -12.52 -1.30 21.11
N LEU B 9 -12.84 -0.23 21.83
CA LEU B 9 -14.22 0.29 21.92
C LEU B 9 -14.56 1.08 20.66
N GLN B 10 -13.62 1.90 20.16
CA GLN B 10 -13.84 2.86 19.02
C GLN B 10 -14.17 2.05 17.78
N ASP B 11 -13.51 0.91 17.62
CA ASP B 11 -13.53 0.04 16.40
C ASP B 11 -14.98 -0.38 16.10
N SER B 12 -15.26 -0.65 14.82
CA SER B 12 -16.48 -1.33 14.32
C SER B 12 -16.07 -2.45 13.34
#